data_5FCY
#
_entry.id   5FCY
#
_cell.length_a   58.373
_cell.length_b   58.373
_cell.length_c   42.251
_cell.angle_alpha   90.00
_cell.angle_beta   90.00
_cell.angle_gamma   120.00
#
_symmetry.space_group_name_H-M   'P 32'
#
loop_
_entity.id
_entity.type
_entity.pdbx_description
1 polymer 'Red carotenoid protein (RCP)'
2 non-polymer BETA-CAROTENE
3 water water
#
_entity_poly.entity_id   1
_entity_poly.type   'polypeptide(L)'
_entity_poly.pdbx_seq_one_letter_code
;MTFTQTNDPTIRKYVQSWQKLDVDEQLALFWFIYKEMGGAITPAAPGASTVSPAIAEGLFNQVKELNHEQQLQLQRDLIR
RVDNQLSREYGSLGDTTKLLFWYLLSQGMDNATIVPFPADYKLSSESQELLEGIKGLGFEQQITLFRDYVSPMGAEAKAG
AEIHHHHHH
;
_entity_poly.pdbx_strand_id   A
#
loop_
_chem_comp.id
_chem_comp.type
_chem_comp.name
_chem_comp.formula
BCR non-polymer BETA-CAROTENE 'C40 H56'
#
# COMPACT_ATOMS: atom_id res chain seq x y z
N ASP A 8 21.27 -2.13 4.55
CA ASP A 8 19.91 -1.99 5.04
C ASP A 8 19.53 -0.57 5.46
N PRO A 9 20.50 0.32 5.70
CA PRO A 9 20.15 1.75 5.67
C PRO A 9 19.58 2.19 4.33
N THR A 10 19.84 1.42 3.27
CA THR A 10 19.23 1.72 1.98
C THR A 10 17.72 1.48 2.00
N ILE A 11 17.25 0.59 2.86
CA ILE A 11 15.81 0.34 2.97
C ILE A 11 15.10 1.58 3.49
N ARG A 12 15.64 2.22 4.53
CA ARG A 12 15.05 3.44 5.04
C ARG A 12 15.03 4.54 3.99
N LYS A 13 16.04 4.58 3.12
CA LYS A 13 16.06 5.59 2.06
C LYS A 13 14.94 5.35 1.05
N TYR A 14 14.67 4.09 0.71
CA TYR A 14 13.51 3.79 -0.12
C TYR A 14 12.22 4.21 0.57
N VAL A 15 12.08 3.87 1.85
CA VAL A 15 10.87 4.23 2.59
C VAL A 15 10.71 5.75 2.63
N GLN A 16 11.79 6.47 2.94
CA GLN A 16 11.72 7.92 2.99
C GLN A 16 11.44 8.51 1.61
N SER A 17 12.09 7.98 0.58
CA SER A 17 11.80 8.45 -0.77
C SER A 17 10.36 8.13 -1.16
N TRP A 18 9.87 6.96 -0.76
CA TRP A 18 8.50 6.59 -1.04
C TRP A 18 7.52 7.53 -0.33
N GLN A 19 7.88 7.98 0.87
CA GLN A 19 7.01 8.83 1.66
C GLN A 19 7.06 10.29 1.25
N LYS A 20 7.94 10.66 0.32
CA LYS A 20 8.01 12.03 -0.17
C LYS A 20 7.12 12.27 -1.38
N LEU A 21 6.60 11.21 -1.99
CA LEU A 21 5.77 11.33 -3.17
C LEU A 21 4.36 11.78 -2.78
N ASP A 22 3.61 12.23 -3.78
CA ASP A 22 2.18 12.49 -3.57
C ASP A 22 1.46 11.19 -3.22
N VAL A 23 0.34 11.33 -2.52
CA VAL A 23 -0.40 10.15 -2.04
C VAL A 23 -0.77 9.24 -3.19
N ASP A 24 -1.33 9.81 -4.25
CA ASP A 24 -1.70 9.00 -5.41
C ASP A 24 -0.46 8.42 -6.08
N GLU A 25 0.62 9.19 -6.14
CA GLU A 25 1.88 8.67 -6.67
C GLU A 25 2.37 7.48 -5.84
N GLN A 26 2.23 7.57 -4.52
CA GLN A 26 2.61 6.46 -3.65
C GLN A 26 1.81 5.22 -3.98
N LEU A 27 0.48 5.37 -4.10
CA LEU A 27 -0.38 4.23 -4.39
C LEU A 27 -0.04 3.65 -5.76
N ALA A 28 0.33 4.49 -6.72
CA ALA A 28 0.70 4.00 -8.05
C ALA A 28 1.96 3.15 -7.97
N LEU A 29 2.98 3.64 -7.27
CA LEU A 29 4.21 2.86 -7.12
C LEU A 29 3.92 1.52 -6.47
N PHE A 30 3.11 1.51 -5.40
CA PHE A 30 2.79 0.27 -4.71
C PHE A 30 2.07 -0.70 -5.66
N TRP A 31 1.22 -0.18 -6.54
CA TRP A 31 0.46 -1.02 -7.44
C TRP A 31 1.35 -1.68 -8.49
N PHE A 32 2.26 -0.90 -9.08
CA PHE A 32 3.14 -1.46 -10.11
C PHE A 32 4.10 -2.49 -9.52
N ILE A 33 4.63 -2.22 -8.33
CA ILE A 33 5.42 -3.23 -7.63
C ILE A 33 4.63 -4.52 -7.52
N TYR A 34 3.35 -4.43 -7.17
CA TYR A 34 2.52 -5.62 -7.05
C TYR A 34 2.44 -6.40 -8.36
N LYS A 35 2.52 -5.70 -9.50
CA LYS A 35 2.49 -6.38 -10.79
C LYS A 35 3.83 -6.99 -11.17
N GLU A 36 4.92 -6.57 -10.53
CA GLU A 36 6.23 -7.18 -10.73
C GLU A 36 6.45 -8.37 -9.80
N MET A 37 5.38 -8.92 -9.23
CA MET A 37 5.50 -9.98 -8.24
C MET A 37 4.55 -11.13 -8.56
N SER A 52 -3.87 -14.22 11.55
CA SER A 52 -3.47 -12.92 11.04
C SER A 52 -4.09 -12.63 9.67
N PRO A 53 -4.13 -13.63 8.77
CA PRO A 53 -4.87 -13.42 7.51
C PRO A 53 -6.36 -13.19 7.72
N ALA A 54 -6.94 -13.78 8.77
CA ALA A 54 -8.35 -13.55 9.05
C ALA A 54 -8.60 -12.11 9.44
N ILE A 55 -7.79 -11.58 10.36
CA ILE A 55 -7.89 -10.17 10.72
C ILE A 55 -7.77 -9.29 9.47
N ALA A 56 -6.84 -9.64 8.58
CA ALA A 56 -6.68 -8.88 7.34
C ALA A 56 -7.90 -9.03 6.46
N GLU A 57 -8.40 -10.26 6.29
CA GLU A 57 -9.61 -10.47 5.51
C GLU A 57 -10.79 -9.72 6.12
N GLY A 58 -10.84 -9.63 7.45
CA GLY A 58 -11.89 -8.88 8.12
C GLY A 58 -11.86 -7.41 7.72
N LEU A 59 -10.75 -6.74 8.00
CA LEU A 59 -10.61 -5.33 7.61
C LEU A 59 -10.83 -5.16 6.12
N PHE A 60 -10.42 -6.14 5.32
CA PHE A 60 -10.62 -6.05 3.87
C PHE A 60 -12.10 -6.06 3.51
N ASN A 61 -12.91 -6.82 4.25
CA ASN A 61 -14.35 -6.86 3.97
C ASN A 61 -14.99 -5.52 4.25
N GLN A 62 -14.63 -4.88 5.37
CA GLN A 62 -15.12 -3.53 5.66
C GLN A 62 -14.80 -2.57 4.53
N VAL A 63 -13.77 -2.86 3.72
CA VAL A 63 -13.37 -1.97 2.64
C VAL A 63 -14.27 -2.17 1.43
N LYS A 64 -14.31 -3.39 0.90
CA LYS A 64 -15.12 -3.66 -0.28
C LYS A 64 -16.61 -3.49 -0.01
N GLU A 65 -17.02 -3.38 1.26
CA GLU A 65 -18.40 -3.08 1.60
C GLU A 65 -18.75 -1.60 1.42
N LEU A 66 -17.76 -0.77 1.09
CA LEU A 66 -18.00 0.64 0.86
C LEU A 66 -18.21 0.91 -0.63
N ASN A 67 -18.53 2.16 -0.95
CA ASN A 67 -18.59 2.58 -2.34
C ASN A 67 -17.19 2.74 -2.90
N HIS A 68 -17.07 2.53 -4.21
CA HIS A 68 -15.76 2.55 -4.86
C HIS A 68 -15.00 3.82 -4.51
N GLU A 69 -15.70 4.94 -4.40
CA GLU A 69 -15.04 6.20 -4.05
C GLU A 69 -14.45 6.15 -2.65
N GLN A 70 -15.25 5.70 -1.68
CA GLN A 70 -14.76 5.59 -0.31
C GLN A 70 -13.60 4.62 -0.20
N GLN A 71 -13.61 3.55 -1.00
CA GLN A 71 -12.48 2.64 -1.03
C GLN A 71 -11.19 3.39 -1.32
N LEU A 72 -11.24 4.35 -2.25
CA LEU A 72 -10.06 5.14 -2.56
C LEU A 72 -9.68 6.03 -1.39
N GLN A 73 -10.66 6.71 -0.79
CA GLN A 73 -10.35 7.69 0.25
C GLN A 73 -9.73 7.02 1.47
N LEU A 74 -10.09 5.77 1.76
CA LEU A 74 -9.48 5.07 2.88
C LEU A 74 -7.99 4.88 2.66
N GLN A 75 -7.61 4.33 1.50
CA GLN A 75 -6.20 4.09 1.23
C GLN A 75 -5.40 5.37 1.30
N ARG A 76 -5.93 6.46 0.74
CA ARG A 76 -5.32 7.77 0.92
C ARG A 76 -5.25 8.14 2.40
N ASP A 77 -6.36 7.97 3.13
CA ASP A 77 -6.38 8.32 4.54
C ASP A 77 -5.39 7.49 5.35
N LEU A 78 -5.11 6.26 4.91
CA LEU A 78 -4.11 5.45 5.62
C LEU A 78 -2.71 6.01 5.40
N ILE A 79 -2.42 6.47 4.19
CA ILE A 79 -1.10 7.05 3.91
C ILE A 79 -0.96 8.40 4.58
N ARG A 80 -2.05 9.15 4.71
CA ARG A 80 -2.03 10.47 5.34
C ARG A 80 -2.15 10.40 6.86
N ARG A 81 -2.26 9.21 7.44
CA ARG A 81 -2.39 9.05 8.90
C ARG A 81 -3.65 9.73 9.42
N VAL A 82 -4.71 9.77 8.62
CA VAL A 82 -5.96 10.39 9.06
C VAL A 82 -6.55 9.60 10.21
N ASP A 83 -7.20 10.31 11.13
CA ASP A 83 -7.74 9.72 12.35
C ASP A 83 -9.23 9.46 12.14
N ASN A 84 -9.57 8.24 11.76
CA ASN A 84 -10.95 7.79 11.67
C ASN A 84 -11.01 6.36 12.19
N GLN A 85 -12.21 5.79 12.17
CA GLN A 85 -12.41 4.46 12.75
C GLN A 85 -11.59 3.41 12.01
N LEU A 86 -11.66 3.40 10.68
CA LEU A 86 -10.96 2.39 9.91
C LEU A 86 -9.45 2.54 10.05
N SER A 87 -8.95 3.78 10.04
CA SER A 87 -7.52 4.00 10.20
C SER A 87 -7.04 3.56 11.58
N ARG A 88 -7.88 3.75 12.60
CA ARG A 88 -7.54 3.26 13.93
C ARG A 88 -7.42 1.74 13.95
N GLU A 89 -8.40 1.05 13.36
CA GLU A 89 -8.32 -0.41 13.27
C GLU A 89 -7.04 -0.83 12.56
N TYR A 90 -6.74 -0.23 11.41
CA TYR A 90 -5.48 -0.51 10.73
C TYR A 90 -4.31 -0.28 11.68
N GLY A 91 -4.22 0.92 12.24
CA GLY A 91 -3.10 1.28 13.09
C GLY A 91 -2.89 0.36 14.28
N SER A 92 -3.93 -0.38 14.68
CA SER A 92 -3.85 -1.26 15.83
C SER A 92 -3.36 -2.66 15.48
N LEU A 93 -3.08 -2.95 14.22
CA LEU A 93 -2.66 -4.26 13.78
C LEU A 93 -1.14 -4.36 13.72
N GLY A 94 -0.65 -5.59 13.59
CA GLY A 94 0.76 -5.83 13.43
C GLY A 94 1.22 -5.56 12.03
N ASP A 95 2.55 -5.53 11.86
CA ASP A 95 3.13 -5.27 10.54
C ASP A 95 2.68 -6.31 9.52
N THR A 96 2.78 -7.60 9.89
CA THR A 96 2.39 -8.66 8.97
C THR A 96 0.94 -8.48 8.51
N THR A 97 0.03 -8.30 9.46
CA THR A 97 -1.37 -8.12 9.08
C THR A 97 -1.55 -6.91 8.18
N LYS A 98 -0.91 -5.79 8.53
CA LYS A 98 -1.01 -4.59 7.71
C LYS A 98 -0.59 -4.87 6.27
N LEU A 99 0.51 -5.59 6.08
CA LEU A 99 0.98 -5.88 4.73
C LEU A 99 0.05 -6.87 4.03
N LEU A 100 -0.47 -7.86 4.75
CA LEU A 100 -1.45 -8.77 4.16
C LEU A 100 -2.70 -8.02 3.73
N PHE A 101 -3.16 -7.06 4.55
CA PHE A 101 -4.28 -6.22 4.16
C PHE A 101 -4.02 -5.53 2.83
N TRP A 102 -2.83 -4.93 2.69
CA TRP A 102 -2.52 -4.26 1.44
C TRP A 102 -2.42 -5.23 0.27
N TYR A 103 -2.07 -6.49 0.54
CA TYR A 103 -2.07 -7.49 -0.52
C TYR A 103 -3.50 -7.79 -0.98
N LEU A 104 -4.40 -8.05 -0.03
CA LEU A 104 -5.79 -8.35 -0.37
C LEU A 104 -6.44 -7.20 -1.13
N LEU A 105 -6.00 -5.97 -0.88
CA LEU A 105 -6.48 -4.84 -1.67
C LEU A 105 -6.06 -4.98 -3.13
N SER A 106 -4.80 -5.38 -3.37
CA SER A 106 -4.33 -5.55 -4.73
C SER A 106 -5.05 -6.70 -5.42
N GLN A 107 -5.27 -7.81 -4.70
CA GLN A 107 -6.06 -8.90 -5.27
C GLN A 107 -7.48 -8.44 -5.55
N GLY A 108 -8.11 -7.76 -4.60
CA GLY A 108 -9.45 -7.25 -4.80
C GLY A 108 -9.56 -6.28 -5.96
N MET A 109 -8.44 -5.73 -6.42
CA MET A 109 -8.43 -4.84 -7.57
C MET A 109 -8.31 -5.61 -8.88
N ASP A 110 -7.50 -6.66 -8.93
CA ASP A 110 -7.44 -7.52 -10.11
C ASP A 110 -8.76 -8.23 -10.33
N ASN A 111 -9.48 -8.57 -9.26
CA ASN A 111 -10.76 -9.23 -9.35
C ASN A 111 -11.93 -8.25 -9.41
N ALA A 112 -11.66 -6.96 -9.61
CA ALA A 112 -12.68 -5.93 -9.73
C ALA A 112 -13.49 -5.72 -8.46
N THR A 113 -13.05 -6.29 -7.33
CA THR A 113 -13.75 -6.08 -6.07
C THR A 113 -13.46 -4.71 -5.48
N ILE A 114 -12.25 -4.20 -5.67
CA ILE A 114 -11.86 -2.89 -5.19
C ILE A 114 -11.73 -1.96 -6.39
N VAL A 115 -12.02 -0.69 -6.18
CA VAL A 115 -12.00 0.32 -7.23
C VAL A 115 -10.78 0.09 -8.11
N PRO A 116 -10.92 0.08 -9.44
CA PRO A 116 -9.80 -0.34 -10.30
C PRO A 116 -8.72 0.73 -10.38
N PHE A 117 -7.58 0.33 -11.00
CA PHE A 117 -6.42 1.17 -11.27
C PHE A 117 -6.48 1.69 -12.70
N PRO A 118 -6.12 2.95 -12.97
CA PRO A 118 -6.30 3.49 -14.32
C PRO A 118 -5.14 3.13 -15.24
N ALA A 119 -5.49 2.73 -16.47
CA ALA A 119 -4.49 2.32 -17.44
C ALA A 119 -3.53 3.46 -17.78
N ASP A 120 -4.04 4.68 -17.90
CA ASP A 120 -3.29 5.79 -18.46
C ASP A 120 -2.41 6.49 -17.43
N TYR A 121 -2.13 5.86 -16.29
CA TYR A 121 -1.27 6.46 -15.28
C TYR A 121 0.16 6.03 -15.53
N LYS A 122 1.06 7.00 -15.66
CA LYS A 122 2.48 6.75 -15.85
C LYS A 122 3.26 7.32 -14.67
N LEU A 123 4.25 6.55 -14.20
CA LEU A 123 5.00 6.97 -13.03
C LEU A 123 5.90 8.15 -13.34
N SER A 124 6.03 9.05 -12.37
CA SER A 124 6.98 10.14 -12.48
C SER A 124 8.39 9.62 -12.71
N SER A 125 9.27 10.50 -13.18
CA SER A 125 10.67 10.14 -13.35
C SER A 125 11.26 9.64 -12.04
N GLU A 126 10.93 10.28 -10.93
CA GLU A 126 11.43 9.88 -9.62
C GLU A 126 10.91 8.50 -9.23
N SER A 127 9.62 8.24 -9.46
CA SER A 127 9.02 6.98 -9.05
C SER A 127 9.61 5.81 -9.84
N GLN A 128 9.69 5.95 -11.17
CA GLN A 128 10.27 4.89 -11.98
C GLN A 128 11.69 4.57 -11.54
N GLU A 129 12.40 5.55 -10.97
CA GLU A 129 13.74 5.30 -10.45
C GLU A 129 13.68 4.44 -9.20
N LEU A 130 12.77 4.77 -8.27
CA LEU A 130 12.58 3.95 -7.08
C LEU A 130 12.17 2.53 -7.46
N LEU A 131 11.25 2.39 -8.41
CA LEU A 131 10.75 1.07 -8.78
C LEU A 131 11.89 0.18 -9.24
N GLU A 132 12.65 0.63 -10.23
CA GLU A 132 13.79 -0.16 -10.69
C GLU A 132 14.77 -0.42 -9.56
N GLY A 133 14.96 0.57 -8.68
CA GLY A 133 15.81 0.36 -7.51
C GLY A 133 15.25 -0.69 -6.58
N ILE A 134 13.92 -0.76 -6.45
CA ILE A 134 13.31 -1.77 -5.61
C ILE A 134 13.32 -3.13 -6.30
N LYS A 135 13.22 -3.14 -7.63
CA LYS A 135 13.40 -4.38 -8.37
C LYS A 135 14.77 -4.99 -8.13
N GLY A 136 15.75 -4.18 -7.72
CA GLY A 136 17.09 -4.69 -7.48
C GLY A 136 17.25 -5.39 -6.14
N LEU A 137 16.47 -4.98 -5.14
CA LEU A 137 16.56 -5.57 -3.83
C LEU A 137 16.17 -7.05 -3.87
N GLY A 138 16.61 -7.79 -2.85
CA GLY A 138 16.24 -9.19 -2.74
C GLY A 138 14.88 -9.37 -2.08
N PHE A 139 14.18 -10.42 -2.53
CA PHE A 139 12.82 -10.71 -2.10
C PHE A 139 12.60 -10.43 -0.62
N GLU A 140 13.56 -10.82 0.23
CA GLU A 140 13.39 -10.60 1.66
C GLU A 140 13.61 -9.14 2.04
N GLN A 141 14.50 -8.43 1.35
CA GLN A 141 14.63 -6.99 1.57
C GLN A 141 13.39 -6.26 1.08
N GLN A 142 12.77 -6.74 -0.01
CA GLN A 142 11.52 -6.15 -0.47
C GLN A 142 10.43 -6.30 0.57
N ILE A 143 10.26 -7.51 1.11
CA ILE A 143 9.30 -7.73 2.18
C ILE A 143 9.59 -6.79 3.35
N THR A 144 10.85 -6.72 3.75
CA THR A 144 11.24 -5.80 4.81
C THR A 144 10.89 -4.36 4.44
N LEU A 145 11.17 -3.97 3.19
CA LEU A 145 10.81 -2.64 2.73
C LEU A 145 9.31 -2.41 2.86
N PHE A 146 8.51 -3.35 2.34
CA PHE A 146 7.06 -3.16 2.33
C PHE A 146 6.50 -3.09 3.74
N ARG A 147 6.99 -3.96 4.64
CA ARG A 147 6.50 -3.95 6.01
C ARG A 147 6.77 -2.60 6.67
N ASP A 148 7.95 -2.03 6.47
CA ASP A 148 8.27 -0.74 7.08
C ASP A 148 7.50 0.40 6.42
N TYR A 149 7.16 0.25 5.13
CA TYR A 149 6.43 1.31 4.44
C TYR A 149 4.98 1.39 4.93
N VAL A 150 4.32 0.23 5.06
CA VAL A 150 2.92 0.22 5.49
C VAL A 150 2.77 0.23 7.01
N SER A 151 3.82 -0.12 7.76
CA SER A 151 3.70 -0.22 9.21
C SER A 151 3.21 1.07 9.87
N PRO A 152 3.75 2.24 9.56
CA PRO A 152 3.30 3.46 10.25
C PRO A 152 2.07 4.13 9.65
N MET A 153 1.38 3.48 8.71
CA MET A 153 0.18 4.07 8.15
C MET A 153 -0.97 4.01 9.15
N GLY A 154 -2.11 4.59 8.76
CA GLY A 154 -3.28 4.59 9.61
C GLY A 154 -3.12 5.45 10.85
N ALA A 155 -4.04 5.24 11.79
CA ALA A 155 -4.02 5.98 13.04
C ALA A 155 -3.81 5.05 14.23
C1 BCR B . -6.67 6.58 -8.47
C2 BCR B . -6.53 7.49 -9.69
C3 BCR B . -5.33 8.43 -9.62
C4 BCR B . -4.16 7.78 -8.90
C5 BCR B . -4.32 6.28 -8.86
C6 BCR B . -5.40 5.79 -8.23
C7 BCR B . -5.42 4.58 -7.35
C8 BCR B . -4.37 3.79 -7.03
C9 BCR B . -4.51 2.61 -6.14
C10 BCR B . -3.43 1.82 -5.89
C11 BCR B . -3.42 0.63 -5.03
C33 BCR B . -3.34 5.42 -9.57
C31 BCR B . -7.87 5.66 -8.73
C32 BCR B . -6.93 7.45 -7.26
C34 BCR B . -5.87 2.32 -5.54
C12 BCR B . -2.28 -0.06 -4.85
C13 BCR B . -2.20 -1.27 -3.98
C14 BCR B . -1.01 -1.91 -3.86
C15 BCR B . -0.77 -3.10 -3.04
C16 BCR B . 0.43 -3.70 -2.98
C17 BCR B . 0.59 -4.90 -2.13
C18 BCR B . 1.76 -5.58 -2.01
C19 BCR B . 1.76 -6.76 -1.11
C20 BCR B . 2.84 -7.49 -0.82
C21 BCR B . 2.74 -8.64 0.09
C22 BCR B . 3.78 -9.43 0.39
C23 BCR B . 3.54 -10.58 1.32
C24 BCR B . 4.48 -11.49 1.60
C25 BCR B . 4.24 -12.66 2.50
C26 BCR B . 3.07 -12.95 3.07
C27 BCR B . 2.99 -13.00 4.57
C28 BCR B . 4.35 -13.38 5.13
C29 BCR B . 5.11 -14.30 4.18
C30 BCR B . 5.37 -13.62 2.84
C35 BCR B . -3.45 -1.71 -3.27
C36 BCR B . 2.97 -5.12 -2.78
C37 BCR B . 5.12 -9.12 -0.22
C38 BCR B . 1.86 -13.29 2.23
C39 BCR B . 5.44 -14.66 1.72
C40 BCR B . 6.71 -12.90 2.93
HC21 BCR B . -7.44 8.09 -9.78
HC22 BCR B . -6.45 6.88 -10.59
HC31 BCR B . -5.02 8.70 -10.63
HC32 BCR B . -5.61 9.35 -9.10
HC41 BCR B . -3.22 8.02 -9.42
HC42 BCR B . -4.09 8.18 -7.88
HC7 BCR B . -6.37 4.31 -6.91
HC8 BCR B . -3.40 4.01 -7.46
H10C BCR B . -2.50 2.10 -6.36
H11C BCR B . -4.32 0.31 -4.54
H331 BCR B . -3.63 4.41 -9.48
H332 BCR B . -2.38 5.54 -9.12
H333 BCR B . -3.30 5.70 -10.58
H311 BCR B . -7.95 4.95 -7.95
H312 BCR B . -7.73 5.16 -9.66
H313 BCR B . -8.75 6.24 -8.77
H321 BCR B . -6.95 6.84 -6.39
H322 BCR B . -7.86 7.93 -7.37
H323 BCR B . -6.16 8.18 -7.18
H341 BCR B . -5.79 1.50 -4.88
H342 BCR B . -6.56 2.12 -6.31
H343 BCR B . -6.19 3.17 -4.99
H12C BCR B . -1.39 0.27 -5.35
H14C BCR B . -0.17 -1.52 -4.42
H15C BCR B . -1.59 -3.52 -2.48
H16C BCR B . 1.25 -3.31 -3.54
H17C BCR B . -0.26 -5.26 -1.59
H19C BCR B . 0.83 -7.03 -0.62
H20C BCR B . 3.79 -7.24 -1.28
H21C BCR B . 1.78 -8.85 0.53
H23C BCR B . 2.56 -10.70 1.72
H24C BCR B . 5.46 -11.36 1.19
H271 BCR B . 2.67 -12.04 4.97
H272 BCR B . 2.24 -13.76 4.87
H281 BCR B . 4.94 -12.48 5.31
H282 BCR B . 4.22 -13.88 6.09
H291 BCR B . 6.06 -14.59 4.63
H292 BCR B . 4.52 -15.21 4.02
H351 BCR B . -3.24 -2.56 -2.69
H352 BCR B . -4.20 -1.93 -3.98
H353 BCR B . -3.79 -0.92 -2.65
H361 BCR B . 3.77 -5.78 -2.57
H362 BCR B . 3.22 -4.14 -2.48
H363 BCR B . 2.76 -5.13 -3.81
H371 BCR B . 5.83 -9.85 0.08
H372 BCR B . 5.45 -8.17 0.08
H373 BCR B . 5.03 -9.14 -1.29
H381 BCR B . 1.06 -13.57 2.88
H382 BCR B . 2.10 -14.11 1.59
H383 BCR B . 1.57 -12.45 1.66
H391 BCR B . 6.26 -15.30 1.89
H392 BCR B . 5.56 -14.17 0.79
H393 BCR B . 4.55 -15.22 1.71
H401 BCR B . 7.46 -13.58 3.24
H402 BCR B . 6.97 -12.52 1.97
H403 BCR B . 6.64 -12.10 3.62
#